data_4JIG
#
_entry.id   4JIG
#
_cell.length_a   73.890
_cell.length_b   102.810
_cell.length_c   123.090
_cell.angle_alpha   90.000
_cell.angle_beta   90.000
_cell.angle_gamma   90.000
#
_symmetry.space_group_name_H-M   'F 2 2 2'
#
loop_
_entity.id
_entity.type
_entity.pdbx_description
1 polymer Dehydrogenase
2 non-polymer 'ACETATE ION'
3 non-polymer GLYCEROL
4 water water
#
_entity_poly.entity_id   1
_entity_poly.type   'polypeptide(L)'
_entity_poly.pdbx_seq_one_letter_code
;MAHHHHHHMTASSDRKAVLITGASRGIGRATAVLAAERGWDVGINYARDAAAAELTAQAVRDAGGRACIVAGDVANEADV
VAMFDTVAAAFGRLDALVNNAGIVAPSMPLADMPVDRLRRMFDTNVLGAYLCAREAARRLSTDRGGRGGAIVNVSSIASR
LGSPNEYVDYAGSKGAVDSLTIGLAKELGPHGVRVNAVRPGLIETDIHASGGQPGRAARLGAQTPLGRAGEAQEVAEAIV
WLLGDTASYTTGALLDVGGGR
;
_entity_poly.pdbx_strand_id   A
#
# COMPACT_ATOMS: atom_id res chain seq x y z
N SER A 12 -15.44 2.74 -22.75
CA SER A 12 -16.43 2.72 -21.63
C SER A 12 -16.19 1.60 -20.59
N SER A 13 -16.10 1.97 -19.32
CA SER A 13 -15.94 1.02 -18.20
C SER A 13 -16.43 1.65 -16.90
N ASP A 14 -17.32 1.00 -16.15
CA ASP A 14 -17.73 1.55 -14.86
C ASP A 14 -16.85 1.01 -13.70
N ARG A 15 -15.75 0.33 -14.04
CA ARG A 15 -14.79 -0.10 -13.03
C ARG A 15 -13.81 1.03 -12.67
N LYS A 16 -13.57 1.23 -11.36
CA LYS A 16 -12.60 2.21 -10.90
C LYS A 16 -11.21 1.58 -10.94
N ALA A 17 -10.16 2.41 -10.94
CA ALA A 17 -8.80 1.98 -11.12
C ALA A 17 -7.99 2.29 -9.88
N VAL A 18 -7.27 1.28 -9.40
CA VAL A 18 -6.35 1.41 -8.28
C VAL A 18 -4.94 0.97 -8.61
N LEU A 19 -3.99 1.83 -8.24
CA LEU A 19 -2.60 1.54 -8.42
C LEU A 19 -2.13 1.03 -7.08
N ILE A 20 -1.58 -0.18 -7.10
CA ILE A 20 -1.00 -0.80 -5.94
C ILE A 20 0.51 -0.96 -6.07
N THR A 21 1.28 -0.40 -5.12
CA THR A 21 2.75 -0.53 -5.16
C THR A 21 3.14 -1.83 -4.44
N GLY A 22 4.19 -2.49 -4.91
CA GLY A 22 4.65 -3.80 -4.35
C GLY A 22 3.58 -4.87 -4.46
N ALA A 23 2.96 -4.96 -5.63
CA ALA A 23 1.78 -5.81 -5.84
C ALA A 23 2.11 -7.19 -6.41
N SER A 24 3.38 -7.55 -6.44
CA SER A 24 3.76 -8.79 -7.07
C SER A 24 3.55 -10.00 -6.15
N ARG A 25 3.55 -9.76 -4.84
CA ARG A 25 3.49 -10.85 -3.84
C ARG A 25 2.70 -10.36 -2.61
N GLY A 26 2.32 -11.33 -1.79
CA GLY A 26 1.85 -11.08 -0.43
C GLY A 26 0.60 -10.22 -0.36
N ILE A 27 0.63 -9.22 0.52
CA ILE A 27 -0.49 -8.35 0.77
C ILE A 27 -0.88 -7.60 -0.52
N GLY A 28 0.13 -7.13 -1.25
CA GLY A 28 -0.13 -6.41 -2.49
C GLY A 28 -0.87 -7.27 -3.50
N ARG A 29 -0.41 -8.48 -3.68
CA ARG A 29 -1.04 -9.41 -4.64
C ARG A 29 -2.48 -9.68 -4.21
N ALA A 30 -2.69 -9.94 -2.91
CA ALA A 30 -4.01 -10.34 -2.45
C ALA A 30 -4.95 -9.16 -2.64
N THR A 31 -4.44 -7.96 -2.39
CA THR A 31 -5.24 -6.80 -2.55
C THR A 31 -5.63 -6.62 -4.00
N ALA A 32 -4.68 -6.83 -4.91
CA ALA A 32 -4.96 -6.69 -6.34
C ALA A 32 -6.09 -7.64 -6.74
N VAL A 33 -5.94 -8.91 -6.36
CA VAL A 33 -6.92 -9.93 -6.75
C VAL A 33 -8.27 -9.64 -6.14
N LEU A 34 -8.31 -9.31 -4.85
CA LEU A 34 -9.55 -9.00 -4.21
C LEU A 34 -10.21 -7.74 -4.78
N ALA A 35 -9.44 -6.68 -5.03
CA ALA A 35 -9.99 -5.49 -5.64
C ALA A 35 -10.65 -5.86 -6.97
N ALA A 36 -10.00 -6.70 -7.77
CA ALA A 36 -10.60 -7.16 -9.04
C ALA A 36 -11.93 -7.87 -8.82
N GLU A 37 -11.97 -8.77 -7.84
CA GLU A 37 -13.21 -9.49 -7.50
C GLU A 37 -14.30 -8.54 -7.08
N ARG A 38 -13.90 -7.39 -6.53
CA ARG A 38 -14.85 -6.43 -6.06
C ARG A 38 -15.08 -5.31 -7.05
N GLY A 39 -14.71 -5.48 -8.32
CA GLY A 39 -15.06 -4.50 -9.35
C GLY A 39 -14.03 -3.45 -9.78
N TRP A 40 -12.78 -3.57 -9.34
CA TRP A 40 -11.70 -2.63 -9.73
C TRP A 40 -10.82 -3.14 -10.86
N ASP A 41 -10.24 -2.21 -11.62
CA ASP A 41 -9.08 -2.50 -12.49
C ASP A 41 -7.85 -2.11 -11.74
N VAL A 42 -6.72 -2.71 -12.04
CA VAL A 42 -5.57 -2.64 -11.14
C VAL A 42 -4.26 -2.40 -11.86
N GLY A 43 -3.56 -1.34 -11.45
CA GLY A 43 -2.17 -1.17 -11.80
C GLY A 43 -1.31 -1.91 -10.79
N ILE A 44 -0.45 -2.80 -11.29
CA ILE A 44 0.37 -3.71 -10.46
C ILE A 44 1.81 -3.22 -10.59
N ASN A 45 2.28 -2.47 -9.60
CA ASN A 45 3.67 -2.03 -9.57
C ASN A 45 4.53 -3.08 -8.86
N TYR A 46 5.77 -3.22 -9.32
CA TYR A 46 6.77 -4.14 -8.75
C TYR A 46 8.16 -3.50 -8.92
N ALA A 47 9.12 -4.00 -8.17
CA ALA A 47 10.47 -3.46 -8.26
C ALA A 47 11.30 -4.32 -9.21
N ARG A 48 11.40 -5.62 -8.91
CA ARG A 48 12.26 -6.50 -9.71
C ARG A 48 11.56 -7.78 -10.21
N ASP A 49 10.60 -8.33 -9.46
CA ASP A 49 10.05 -9.66 -9.77
C ASP A 49 8.90 -9.58 -10.77
N ALA A 50 9.28 -9.40 -12.02
CA ALA A 50 8.30 -9.26 -13.09
C ALA A 50 7.44 -10.53 -13.29
N ALA A 51 8.02 -11.72 -13.09
CA ALA A 51 7.23 -12.94 -13.27
C ALA A 51 6.10 -13.01 -12.26
N ALA A 52 6.40 -12.64 -11.01
CA ALA A 52 5.37 -12.63 -9.97
C ALA A 52 4.30 -11.58 -10.27
N ALA A 53 4.70 -10.41 -10.76
CA ALA A 53 3.75 -9.39 -11.16
C ALA A 53 2.81 -9.89 -12.26
N GLU A 54 3.33 -10.64 -13.21
CA GLU A 54 2.53 -11.16 -14.32
C GLU A 54 1.53 -12.19 -13.83
N LEU A 55 1.93 -13.00 -12.84
CA LEU A 55 1.00 -13.92 -12.21
C LEU A 55 -0.10 -13.17 -11.49
N THR A 56 0.23 -12.07 -10.84
CA THR A 56 -0.82 -11.25 -10.22
C THR A 56 -1.77 -10.68 -11.28
N ALA A 57 -1.22 -10.20 -12.39
CA ALA A 57 -2.03 -9.66 -13.45
C ALA A 57 -3.03 -10.70 -14.00
N GLN A 58 -2.56 -11.95 -14.16
CA GLN A 58 -3.41 -13.03 -14.70
C GLN A 58 -4.56 -13.35 -13.73
N ALA A 59 -4.24 -13.21 -12.44
CA ALA A 59 -5.23 -13.45 -11.41
C ALA A 59 -6.24 -12.31 -11.41
N VAL A 60 -5.78 -11.09 -11.64
CA VAL A 60 -6.70 -9.93 -11.80
C VAL A 60 -7.65 -10.14 -13.00
N ARG A 61 -7.05 -10.45 -14.14
CA ARG A 61 -7.83 -10.73 -15.34
C ARG A 61 -8.82 -11.88 -15.15
N ASP A 62 -8.36 -12.99 -14.56
CA ASP A 62 -9.26 -14.09 -14.24
C ASP A 62 -10.43 -13.68 -13.34
N ALA A 63 -10.22 -12.70 -12.47
CA ALA A 63 -11.28 -12.25 -11.55
C ALA A 63 -12.23 -11.28 -12.24
N GLY A 64 -11.92 -10.89 -13.47
CA GLY A 64 -12.77 -9.97 -14.22
C GLY A 64 -12.28 -8.55 -14.35
N GLY A 65 -11.06 -8.28 -13.92
CA GLY A 65 -10.52 -6.92 -13.98
C GLY A 65 -9.52 -6.72 -15.10
N ARG A 66 -9.34 -5.48 -15.52
CA ARG A 66 -8.21 -5.14 -16.37
C ARG A 66 -6.96 -4.99 -15.45
N ALA A 67 -5.81 -5.41 -15.97
CA ALA A 67 -4.54 -5.30 -15.24
C ALA A 67 -3.47 -4.63 -16.09
N CYS A 68 -2.66 -3.81 -15.44
CA CYS A 68 -1.60 -3.04 -16.08
C CYS A 68 -0.38 -3.20 -15.18
N ILE A 69 0.66 -3.82 -15.69
CA ILE A 69 1.84 -4.08 -14.90
C ILE A 69 2.82 -2.96 -15.11
N VAL A 70 3.44 -2.49 -14.03
CA VAL A 70 4.33 -1.35 -14.14
C VAL A 70 5.48 -1.32 -13.18
N ALA A 71 6.68 -1.47 -13.74
CA ALA A 71 7.87 -1.55 -12.96
C ALA A 71 8.22 -0.18 -12.42
N GLY A 72 8.94 -0.13 -11.30
CA GLY A 72 9.40 1.15 -10.81
C GLY A 72 9.82 1.15 -9.36
N ASP A 73 10.80 1.99 -9.07
CA ASP A 73 11.28 2.22 -7.72
C ASP A 73 10.44 3.33 -7.13
N VAL A 74 9.61 3.04 -6.12
CA VAL A 74 8.84 4.14 -5.48
C VAL A 74 9.67 5.30 -4.90
N ALA A 75 10.92 5.06 -4.62
CA ALA A 75 11.82 6.10 -4.16
C ALA A 75 12.33 7.05 -5.27
N ASN A 76 11.99 6.74 -6.52
CA ASN A 76 12.53 7.50 -7.67
C ASN A 76 11.38 8.32 -8.27
N GLU A 77 11.48 9.64 -8.23
CA GLU A 77 10.43 10.51 -8.68
C GLU A 77 9.98 10.22 -10.13
N ALA A 78 10.96 10.05 -11.02
CA ALA A 78 10.64 9.79 -12.42
C ALA A 78 9.86 8.46 -12.55
N ASP A 79 10.26 7.39 -11.85
CA ASP A 79 9.52 6.14 -11.88
C ASP A 79 8.06 6.31 -11.38
N VAL A 80 7.90 7.08 -10.30
CA VAL A 80 6.58 7.28 -9.71
C VAL A 80 5.66 8.04 -10.69
N VAL A 81 6.14 9.12 -11.27
CA VAL A 81 5.34 9.87 -12.26
C VAL A 81 4.97 8.94 -13.43
N ALA A 82 5.92 8.10 -13.88
CA ALA A 82 5.67 7.19 -15.03
C ALA A 82 4.64 6.13 -14.68
N MET A 83 4.73 5.56 -13.47
CA MET A 83 3.78 4.58 -12.92
C MET A 83 2.35 5.07 -12.99
N PHE A 84 2.13 6.26 -12.42
CA PHE A 84 0.79 6.90 -12.48
C PHE A 84 0.33 7.24 -13.90
N ASP A 85 1.21 7.87 -14.68
CA ASP A 85 0.95 8.13 -16.13
C ASP A 85 0.55 6.86 -16.89
N THR A 86 1.24 5.76 -16.61
CA THR A 86 0.98 4.48 -17.28
C THR A 86 -0.40 3.92 -16.95
N VAL A 87 -0.76 3.93 -15.67
CA VAL A 87 -2.06 3.41 -15.27
C VAL A 87 -3.16 4.27 -15.88
N ALA A 88 -2.94 5.57 -15.89
CA ALA A 88 -3.91 6.50 -16.43
C ALA A 88 -4.09 6.25 -17.93
N ALA A 89 -2.99 6.05 -18.64
CA ALA A 89 -3.00 5.64 -20.05
C ALA A 89 -3.81 4.39 -20.28
N ALA A 90 -3.54 3.34 -19.51
CA ALA A 90 -4.18 2.06 -19.69
C ALA A 90 -5.69 2.10 -19.48
N PHE A 91 -6.13 2.72 -18.38
CA PHE A 91 -7.52 2.65 -17.96
C PHE A 91 -8.29 3.91 -18.26
N GLY A 92 -7.59 4.97 -18.56
CA GLY A 92 -8.21 6.24 -18.88
C GLY A 92 -8.68 6.95 -17.63
N ARG A 93 -8.17 6.56 -16.45
CA ARG A 93 -8.66 7.08 -15.18
C ARG A 93 -7.78 6.58 -14.02
N LEU A 94 -7.82 7.32 -12.91
CA LEU A 94 -7.21 6.88 -11.67
CA LEU A 94 -7.16 6.97 -11.65
C LEU A 94 -8.15 7.29 -10.54
N ASP A 95 -8.44 6.32 -9.69
CA ASP A 95 -9.37 6.49 -8.57
C ASP A 95 -8.72 6.23 -7.18
N ALA A 96 -7.59 5.52 -7.13
CA ALA A 96 -7.05 5.11 -5.83
C ALA A 96 -5.62 4.68 -5.87
N LEU A 97 -4.98 4.70 -4.68
CA LEU A 97 -3.61 4.22 -4.48
C LEU A 97 -3.57 3.36 -3.24
N VAL A 98 -2.87 2.23 -3.35
CA VAL A 98 -2.48 1.47 -2.17
C VAL A 98 -0.96 1.53 -2.10
N ASN A 99 -0.42 2.17 -1.03
CA ASN A 99 1.00 2.27 -0.75
C ASN A 99 1.43 1.02 0.01
N ASN A 100 2.11 0.09 -0.67
CA ASN A 100 2.48 -1.18 -0.08
C ASN A 100 3.91 -1.61 -0.27
N ALA A 101 4.65 -0.96 -1.18
CA ALA A 101 6.01 -1.40 -1.44
C ALA A 101 6.87 -1.35 -0.18
N GLY A 102 7.69 -2.38 -0.01
CA GLY A 102 8.62 -2.50 1.12
C GLY A 102 9.94 -3.12 0.72
N ILE A 103 10.79 -3.42 1.71
CA ILE A 103 12.05 -4.09 1.40
C ILE A 103 12.22 -5.31 2.30
N VAL A 104 13.12 -6.21 1.92
CA VAL A 104 13.44 -7.28 2.85
C VAL A 104 14.79 -6.99 3.49
N ALA A 105 14.84 -7.10 4.81
CA ALA A 105 16.03 -6.80 5.59
C ALA A 105 16.15 -7.83 6.69
N PRO A 106 17.38 -8.12 7.14
CA PRO A 106 17.58 -9.08 8.24
C PRO A 106 17.28 -8.50 9.63
N SER A 107 16.98 -9.39 10.57
CA SER A 107 16.65 -8.99 11.95
C SER A 107 17.91 -8.67 12.70
N MET A 108 17.98 -7.49 13.32
CA MET A 108 19.09 -7.12 14.19
C MET A 108 18.78 -5.83 14.96
N PRO A 109 19.52 -5.57 16.02
CA PRO A 109 19.46 -4.27 16.72
C PRO A 109 19.97 -3.12 15.87
N LEU A 110 19.52 -1.92 16.19
CA LEU A 110 19.95 -0.76 15.43
C LEU A 110 21.49 -0.63 15.35
N ALA A 111 22.14 -0.85 16.49
CA ALA A 111 23.59 -0.73 16.55
C ALA A 111 24.35 -1.51 15.45
N ASP A 112 23.80 -2.64 15.02
CA ASP A 112 24.42 -3.46 13.97
C ASP A 112 24.01 -3.13 12.55
N MET A 113 23.07 -2.21 12.34
CA MET A 113 22.55 -2.01 11.00
C MET A 113 23.47 -1.14 10.20
N PRO A 114 23.79 -1.55 8.97
CA PRO A 114 24.62 -0.67 8.17
C PRO A 114 23.80 0.43 7.57
N VAL A 115 24.49 1.52 7.27
CA VAL A 115 23.84 2.68 6.72
C VAL A 115 23.12 2.43 5.41
N ASP A 116 23.67 1.58 4.53
CA ASP A 116 22.98 1.27 3.27
C ASP A 116 21.59 0.64 3.49
N ARG A 117 21.49 -0.22 4.49
CA ARG A 117 20.19 -0.82 4.83
C ARG A 117 19.21 0.26 5.34
N LEU A 118 19.69 1.14 6.22
CA LEU A 118 18.84 2.22 6.73
C LEU A 118 18.30 3.08 5.63
N ARG A 119 19.17 3.49 4.70
CA ARG A 119 18.77 4.30 3.57
C ARG A 119 17.75 3.60 2.72
N ARG A 120 17.96 2.31 2.43
CA ARG A 120 16.98 1.59 1.61
C ARG A 120 15.60 1.53 2.31
N MET A 121 15.62 1.34 3.63
CA MET A 121 14.40 1.20 4.40
C MET A 121 13.60 2.51 4.32
N PHE A 122 14.29 3.61 4.56
CA PHE A 122 13.60 4.89 4.61
C PHE A 122 13.22 5.40 3.22
N ASP A 123 14.10 5.18 2.24
CA ASP A 123 13.81 5.63 0.87
C ASP A 123 12.58 4.88 0.36
N THR A 124 12.48 3.58 0.65
CA THR A 124 11.34 2.80 0.18
C THR A 124 10.04 3.07 0.97
N ASN A 125 10.15 3.03 2.32
CA ASN A 125 8.97 3.07 3.17
CA ASN A 125 8.97 3.05 3.16
C ASN A 125 8.51 4.46 3.54
N VAL A 126 9.44 5.42 3.52
CA VAL A 126 9.09 6.79 3.85
C VAL A 126 9.05 7.63 2.59
N LEU A 127 10.20 7.84 1.94
CA LEU A 127 10.19 8.70 0.77
C LEU A 127 9.26 8.14 -0.28
N GLY A 128 9.33 6.83 -0.52
CA GLY A 128 8.49 6.22 -1.55
C GLY A 128 7.00 6.41 -1.28
N ALA A 129 6.59 6.18 -0.03
CA ALA A 129 5.19 6.37 0.33
C ALA A 129 4.77 7.84 0.14
N TYR A 130 5.66 8.77 0.49
CA TYR A 130 5.38 10.20 0.25
C TYR A 130 5.28 10.54 -1.23
N LEU A 131 6.20 10.03 -2.04
CA LEU A 131 6.14 10.37 -3.48
C LEU A 131 4.87 9.82 -4.14
N CYS A 132 4.51 8.61 -3.76
CA CYS A 132 3.29 8.02 -4.32
C CYS A 132 2.05 8.74 -3.81
N ALA A 133 2.00 9.04 -2.50
CA ALA A 133 0.89 9.80 -1.95
C ALA A 133 0.80 11.19 -2.56
N ARG A 134 1.96 11.80 -2.82
CA ARG A 134 2.02 13.12 -3.45
C ARG A 134 1.39 13.06 -4.85
N GLU A 135 1.74 12.02 -5.59
CA GLU A 135 1.21 11.85 -6.95
C GLU A 135 -0.28 11.60 -6.90
N ALA A 136 -0.75 10.84 -5.92
CA ALA A 136 -2.20 10.62 -5.78
C ALA A 136 -2.90 11.92 -5.41
N ALA A 137 -2.27 12.68 -4.54
CA ALA A 137 -2.78 13.98 -4.21
C ALA A 137 -2.92 14.86 -5.47
N ARG A 138 -1.87 14.91 -6.29
CA ARG A 138 -1.91 15.69 -7.55
C ARG A 138 -3.00 15.23 -8.50
N ARG A 139 -3.24 13.93 -8.57
CA ARG A 139 -4.11 13.35 -9.60
C ARG A 139 -5.53 13.05 -9.15
N LEU A 140 -5.74 12.78 -7.87
CA LEU A 140 -7.08 12.47 -7.39
C LEU A 140 -7.84 13.68 -6.83
N SER A 141 -7.12 14.70 -6.37
CA SER A 141 -7.77 15.81 -5.71
C SER A 141 -8.69 16.58 -6.67
N THR A 142 -9.87 16.91 -6.20
CA THR A 142 -10.86 17.59 -7.04
C THR A 142 -10.41 18.99 -7.40
N ASP A 143 -9.57 19.61 -6.55
CA ASP A 143 -9.04 20.96 -6.84
C ASP A 143 -7.87 20.98 -7.82
N ARG A 144 -7.40 19.80 -8.21
CA ARG A 144 -6.33 19.66 -9.18
C ARG A 144 -6.82 18.87 -10.41
N GLY A 145 -8.15 18.90 -10.67
CA GLY A 145 -8.75 18.25 -11.84
C GLY A 145 -9.18 16.78 -11.71
N GLY A 146 -8.94 16.15 -10.56
CA GLY A 146 -9.25 14.71 -10.40
C GLY A 146 -10.69 14.47 -9.99
N ARG A 147 -11.08 13.19 -9.94
CA ARG A 147 -12.47 12.89 -9.63
C ARG A 147 -12.70 12.45 -8.18
N GLY A 148 -11.71 12.67 -7.32
CA GLY A 148 -11.80 12.15 -5.97
C GLY A 148 -11.32 10.71 -5.89
N GLY A 149 -11.20 10.21 -4.69
CA GLY A 149 -10.82 8.81 -4.56
C GLY A 149 -10.37 8.51 -3.16
N ALA A 150 -9.50 7.54 -3.07
CA ALA A 150 -9.08 7.00 -1.80
C ALA A 150 -7.64 6.58 -1.90
N ILE A 151 -6.92 6.71 -0.79
CA ILE A 151 -5.59 6.18 -0.62
C ILE A 151 -5.64 5.29 0.61
N VAL A 152 -5.06 4.11 0.49
CA VAL A 152 -4.74 3.29 1.66
C VAL A 152 -3.23 3.06 1.76
N ASN A 153 -2.67 3.46 2.91
CA ASN A 153 -1.25 3.17 3.22
C ASN A 153 -1.13 1.89 4.03
N VAL A 154 -0.21 1.01 3.66
CA VAL A 154 0.00 -0.18 4.45
C VAL A 154 1.11 0.15 5.45
N SER A 155 0.75 0.14 6.73
CA SER A 155 1.67 0.45 7.81
C SER A 155 2.00 -0.90 8.47
N SER A 156 2.07 -0.94 9.78
CA SER A 156 2.38 -2.16 10.55
C SER A 156 2.11 -1.89 11.99
N ILE A 157 1.76 -2.94 12.73
CA ILE A 157 1.69 -2.79 14.19
C ILE A 157 3.07 -2.45 14.76
N ALA A 158 4.13 -2.67 13.97
CA ALA A 158 5.48 -2.31 14.38
C ALA A 158 5.57 -0.82 14.74
N SER A 159 4.72 0.00 14.15
CA SER A 159 4.74 1.45 14.43
C SER A 159 4.47 1.74 15.93
N ARG A 160 3.63 0.92 16.55
CA ARG A 160 3.37 1.10 17.97
C ARG A 160 4.14 0.15 18.90
N LEU A 161 4.66 -0.95 18.36
CA LEU A 161 5.42 -1.91 19.15
C LEU A 161 6.94 -1.72 19.09
N GLY A 162 7.46 -1.20 17.98
CA GLY A 162 8.86 -0.81 17.87
C GLY A 162 9.85 -1.82 17.28
N SER A 163 9.45 -3.08 17.11
CA SER A 163 10.29 -4.18 16.56
CA SER A 163 10.28 -4.12 16.53
C SER A 163 11.69 -4.16 17.11
N PRO A 164 11.80 -4.11 18.45
CA PRO A 164 13.15 -4.11 19.03
C PRO A 164 13.93 -5.39 18.72
N ASN A 165 15.23 -5.22 18.52
CA ASN A 165 16.13 -6.30 18.13
C ASN A 165 15.83 -6.94 16.84
N GLU A 166 14.98 -6.32 16.03
CA GLU A 166 14.62 -6.86 14.72
C GLU A 166 14.64 -5.83 13.61
N TYR A 167 13.69 -4.91 13.63
CA TYR A 167 13.52 -3.98 12.53
C TYR A 167 13.08 -2.64 13.09
N VAL A 168 13.82 -2.05 14.04
CA VAL A 168 13.37 -0.76 14.58
C VAL A 168 13.36 0.39 13.51
N ASP A 169 14.14 0.20 12.43
CA ASP A 169 14.11 1.12 11.30
C ASP A 169 12.79 0.97 10.54
N TYR A 170 12.37 -0.27 10.29
CA TYR A 170 11.06 -0.51 9.69
C TYR A 170 9.96 0.07 10.56
N ALA A 171 10.08 -0.14 11.86
CA ALA A 171 9.09 0.43 12.83
C ALA A 171 8.96 1.94 12.67
N GLY A 172 10.09 2.64 12.59
CA GLY A 172 10.04 4.06 12.40
C GLY A 172 9.40 4.43 11.10
N SER A 173 9.77 3.69 10.04
CA SER A 173 9.20 4.03 8.74
C SER A 173 7.67 3.96 8.76
N LYS A 174 7.12 3.03 9.54
CA LYS A 174 5.67 2.90 9.58
C LYS A 174 5.04 3.88 10.55
N GLY A 175 5.79 4.29 11.57
CA GLY A 175 5.37 5.46 12.32
C GLY A 175 5.18 6.69 11.42
N ALA A 176 6.09 6.90 10.47
CA ALA A 176 5.96 8.01 9.50
C ALA A 176 4.70 7.85 8.65
N VAL A 177 4.39 6.61 8.26
CA VAL A 177 3.24 6.35 7.44
C VAL A 177 1.96 6.63 8.22
N ASP A 178 1.93 6.29 9.51
CA ASP A 178 0.75 6.56 10.34
C ASP A 178 0.53 8.08 10.40
N SER A 179 1.60 8.86 10.60
CA SER A 179 1.50 10.30 10.69
C SER A 179 1.11 10.95 9.36
N LEU A 180 1.68 10.42 8.27
CA LEU A 180 1.28 10.81 6.92
C LEU A 180 -0.24 10.67 6.73
N THR A 181 -0.73 9.53 7.17
CA THR A 181 -2.14 9.18 7.03
C THR A 181 -3.00 10.20 7.71
N ILE A 182 -2.67 10.51 8.96
CA ILE A 182 -3.45 11.46 9.73
C ILE A 182 -3.46 12.83 9.05
N GLY A 183 -2.27 13.34 8.73
CA GLY A 183 -2.12 14.68 8.12
C GLY A 183 -2.72 14.79 6.73
N LEU A 184 -2.45 13.81 5.90
CA LEU A 184 -2.94 13.88 4.53
C LEU A 184 -4.46 13.72 4.45
N ALA A 185 -5.04 12.93 5.35
CA ALA A 185 -6.48 12.83 5.46
C ALA A 185 -7.09 14.21 5.69
N LYS A 186 -6.48 14.97 6.59
CA LYS A 186 -6.97 16.30 6.88
C LYS A 186 -6.78 17.21 5.67
N GLU A 187 -5.61 17.12 5.08
CA GLU A 187 -5.26 17.94 3.96
C GLU A 187 -6.14 17.72 2.72
N LEU A 188 -6.45 16.47 2.43
CA LEU A 188 -7.18 16.11 1.22
C LEU A 188 -8.69 15.90 1.37
N GLY A 189 -9.18 15.93 2.62
CA GLY A 189 -10.62 15.79 2.88
C GLY A 189 -11.48 16.80 2.09
N PRO A 190 -11.09 18.08 2.09
CA PRO A 190 -11.91 19.03 1.34
C PRO A 190 -11.87 18.82 -0.17
N HIS A 191 -10.91 18.05 -0.66
CA HIS A 191 -10.71 17.79 -2.09
C HIS A 191 -11.11 16.39 -2.56
N GLY A 192 -12.01 15.75 -1.83
CA GLY A 192 -12.64 14.53 -2.27
C GLY A 192 -11.79 13.27 -2.16
N VAL A 193 -10.74 13.27 -1.33
CA VAL A 193 -9.86 12.10 -1.21
C VAL A 193 -9.72 11.64 0.26
N ARG A 194 -10.13 10.40 0.52
CA ARG A 194 -9.96 9.76 1.84
C ARG A 194 -8.59 9.09 1.90
N VAL A 195 -7.97 9.09 3.08
CA VAL A 195 -6.68 8.52 3.28
C VAL A 195 -6.70 7.75 4.58
N ASN A 196 -6.46 6.45 4.50
CA ASN A 196 -6.44 5.61 5.67
C ASN A 196 -5.24 4.71 5.65
N ALA A 197 -5.00 4.00 6.77
CA ALA A 197 -3.93 3.01 6.82
C ALA A 197 -4.43 1.72 7.47
N VAL A 198 -3.87 0.60 7.05
CA VAL A 198 -3.99 -0.66 7.74
C VAL A 198 -2.63 -0.92 8.38
N ARG A 199 -2.66 -1.52 9.54
CA ARG A 199 -1.48 -1.88 10.30
C ARG A 199 -1.54 -3.40 10.53
N PRO A 200 -1.02 -4.11 9.56
CA PRO A 200 -0.94 -5.54 9.73
C PRO A 200 0.05 -5.97 10.79
N GLY A 201 -0.26 -7.13 11.37
CA GLY A 201 0.63 -7.77 12.33
C GLY A 201 1.48 -8.80 11.61
N LEU A 202 1.53 -10.00 12.19
CA LEU A 202 2.29 -11.07 11.61
C LEU A 202 1.45 -11.72 10.55
N ILE A 203 1.95 -11.72 9.31
CA ILE A 203 1.18 -12.17 8.16
C ILE A 203 1.99 -13.25 7.47
N GLU A 204 1.42 -14.42 7.23
CA GLU A 204 2.18 -15.49 6.57
C GLU A 204 2.68 -15.04 5.17
N THR A 205 3.87 -15.47 4.79
CA THR A 205 4.43 -15.05 3.49
C THR A 205 3.82 -15.82 2.30
N ARG A 219 5.72 -18.60 14.17
CA ARG A 219 5.82 -19.07 15.56
C ARG A 219 5.80 -17.92 16.58
N LEU A 220 5.86 -16.68 16.09
CA LEU A 220 5.37 -15.51 16.87
C LEU A 220 3.85 -15.43 16.69
N GLY A 221 3.37 -15.82 15.51
CA GLY A 221 1.94 -15.77 15.16
C GLY A 221 1.13 -16.56 16.18
N ALA A 222 1.69 -17.70 16.56
CA ALA A 222 1.14 -18.56 17.59
C ALA A 222 1.01 -17.88 18.97
N GLN A 223 1.79 -16.84 19.23
CA GLN A 223 1.72 -16.11 20.49
C GLN A 223 0.77 -14.86 20.46
N THR A 224 -0.01 -14.70 19.41
CA THR A 224 -0.95 -13.60 19.31
C THR A 224 -2.28 -14.11 19.84
N PRO A 225 -3.18 -13.21 20.28
CA PRO A 225 -4.47 -13.66 20.80
C PRO A 225 -5.28 -14.59 19.88
N LEU A 226 -5.31 -14.37 18.57
CA LEU A 226 -6.04 -15.27 17.71
C LEU A 226 -5.23 -16.58 17.47
N GLY A 227 -3.99 -16.64 17.95
CA GLY A 227 -3.22 -17.87 17.95
C GLY A 227 -2.63 -18.32 16.64
N ARG A 228 -2.53 -17.42 15.67
CA ARG A 228 -1.99 -17.75 14.36
C ARG A 228 -1.52 -16.48 13.68
N ALA A 229 -0.70 -16.65 12.64
CA ALA A 229 -0.38 -15.56 11.72
C ALA A 229 -1.59 -15.29 10.87
N GLY A 230 -1.71 -14.05 10.42
CA GLY A 230 -2.76 -13.71 9.49
C GLY A 230 -2.44 -14.12 8.07
N GLU A 231 -3.49 -14.23 7.26
CA GLU A 231 -3.37 -14.46 5.83
C GLU A 231 -3.37 -13.13 5.09
N ALA A 232 -2.67 -13.05 3.97
CA ALA A 232 -2.60 -11.83 3.20
C ALA A 232 -4.00 -11.38 2.81
N GLN A 233 -4.87 -12.30 2.46
CA GLN A 233 -6.25 -12.03 2.14
C GLN A 233 -6.98 -11.25 3.22
N GLU A 234 -6.66 -11.60 4.47
CA GLU A 234 -7.29 -10.95 5.60
C GLU A 234 -6.93 -9.48 5.69
N VAL A 235 -5.73 -9.10 5.25
CA VAL A 235 -5.33 -7.72 5.21
C VAL A 235 -5.96 -7.04 4.02
N ALA A 236 -6.01 -7.76 2.89
CA ALA A 236 -6.63 -7.28 1.66
C ALA A 236 -8.07 -6.87 1.86
N GLU A 237 -8.80 -7.64 2.69
CA GLU A 237 -10.19 -7.34 2.99
C GLU A 237 -10.32 -5.97 3.63
N ALA A 238 -9.45 -5.70 4.59
CA ALA A 238 -9.43 -4.41 5.29
C ALA A 238 -9.09 -3.24 4.33
N ILE A 239 -8.09 -3.48 3.48
CA ILE A 239 -7.69 -2.50 2.45
C ILE A 239 -8.83 -2.17 1.49
N VAL A 240 -9.46 -3.20 0.94
CA VAL A 240 -10.48 -3.02 -0.07
C VAL A 240 -11.73 -2.38 0.54
N TRP A 241 -12.03 -2.70 1.80
CA TRP A 241 -13.11 -1.97 2.49
C TRP A 241 -12.84 -0.46 2.57
N LEU A 242 -11.62 -0.08 3.00
CA LEU A 242 -11.23 1.32 3.12
C LEU A 242 -11.17 2.08 1.79
N LEU A 243 -10.94 1.35 0.71
CA LEU A 243 -11.00 1.90 -0.64
C LEU A 243 -12.40 2.14 -1.14
N GLY A 244 -13.39 1.42 -0.62
CA GLY A 244 -14.76 1.42 -1.20
C GLY A 244 -15.66 2.50 -0.60
N ASP A 245 -16.84 2.67 -1.19
CA ASP A 245 -17.78 3.77 -0.84
C ASP A 245 -18.48 3.56 0.48
N THR A 246 -18.50 2.34 1.01
CA THR A 246 -19.16 2.18 2.31
C THR A 246 -18.27 2.74 3.42
N ALA A 247 -17.00 3.04 3.11
CA ALA A 247 -16.11 3.71 4.04
C ALA A 247 -16.15 5.25 3.92
N SER A 248 -17.27 5.79 3.44
CA SER A 248 -17.34 7.21 3.06
C SER A 248 -17.09 8.24 4.17
N TYR A 249 -17.24 7.91 5.44
CA TYR A 249 -16.94 8.91 6.48
C TYR A 249 -15.67 8.55 7.23
N THR A 250 -14.96 7.58 6.69
CA THR A 250 -13.78 7.00 7.32
C THR A 250 -12.56 7.53 6.60
N THR A 251 -11.81 8.41 7.28
CA THR A 251 -10.55 8.95 6.73
C THR A 251 -9.70 9.38 7.91
N GLY A 252 -8.40 9.21 7.79
CA GLY A 252 -7.51 9.41 8.90
C GLY A 252 -7.43 8.23 9.87
N ALA A 253 -8.03 7.09 9.52
CA ALA A 253 -8.08 5.97 10.41
C ALA A 253 -6.84 5.14 10.27
N LEU A 254 -6.48 4.52 11.40
CA LEU A 254 -5.46 3.54 11.50
C LEU A 254 -6.05 2.22 12.00
N LEU A 255 -6.15 1.27 11.07
CA LEU A 255 -6.90 0.03 11.26
C LEU A 255 -5.95 -1.13 11.50
N ASP A 256 -5.83 -1.50 12.75
CA ASP A 256 -4.99 -2.63 13.07
C ASP A 256 -5.57 -3.94 12.54
N VAL A 257 -4.76 -4.73 11.85
CA VAL A 257 -5.12 -6.12 11.39
C VAL A 257 -4.00 -7.07 11.84
N GLY A 258 -3.95 -7.31 13.14
CA GLY A 258 -2.81 -7.98 13.78
C GLY A 258 -3.17 -9.06 14.77
N GLY A 259 -4.41 -9.57 14.73
CA GLY A 259 -4.76 -10.71 15.59
C GLY A 259 -4.82 -10.41 17.08
N GLY A 260 -4.84 -9.13 17.43
CA GLY A 260 -4.97 -8.71 18.81
C GLY A 260 -3.67 -8.25 19.44
N ARG A 261 -2.58 -8.35 18.72
CA ARG A 261 -1.29 -7.88 19.18
C ARG A 261 -1.09 -6.40 18.89
#